data_5P9N
#
_entry.id   5P9N
#
_cell.length_a   49.966
_cell.length_b   54.033
_cell.length_c   80.720
_cell.angle_alpha   90.00
_cell.angle_beta   90.00
_cell.angle_gamma   90.00
#
_symmetry.space_group_name_H-M   'P 21 21 21'
#
loop_
_entity.id
_entity.type
_entity.pdbx_description
1 polymer 'Catechol O-methyltransferase'
2 non-polymer 'MAGNESIUM ION'
3 non-polymer 'CHLORIDE ION'
4 non-polymer '2-[N-CYCLOHEXYLAMINO]ETHANE SULFONIC ACID'
5 non-polymer (4S,5S)-1,2-DITHIANE-4,5-DIOL
6 non-polymer 'SULFATE ION'
7 non-polymer 5-(4-fluorophenyl)-~{N}-[[3-[(~{R})-(1-methylindazol-5-yl)-oxidanyl-methyl]phenyl]methyl]-2,3-bis(oxidanyl)benzamide
8 non-polymer 5-(4-fluorophenyl)-~{N}-[[3-[(~{S})-(1-methylindazol-5-yl)-oxidanyl-methyl]phenyl]methyl]-2,3-bis(oxidanyl)benzamide
9 water water
#
_entity_poly.entity_id   1
_entity_poly.type   'polypeptide(L)'
_entity_poly.pdbx_seq_one_letter_code
;MGDTKEQRILRYVQQNAKPGDPQSVLEAIDTYCTQKEWAMNVGDAKGQIMDAVIREYSPSLVLELGAYCGYSAVRMARLL
QPGARLLTMEINPDCAAITQQMLNFAGLQDKVTILNGASQDLIPQLKKKYDVDTLDMVFLDHWKDRYLPDTLLLEKCGLL
RKGTVLLADNVIVPGTPDFLAYVRGSSSFECTHYSSYLEYMKVVDGLEKAIYQGPSSPDKS
;
_entity_poly.pdbx_strand_id   A
#
loop_
_chem_comp.id
_chem_comp.type
_chem_comp.name
_chem_comp.formula
7JE non-polymer 5-(4-fluorophenyl)-~{N}-[[3-[(~{R})-(1-methylindazol-5-yl)-oxidanyl-methyl]phenyl]methyl]-2,3-bis(oxidanyl)benzamide 'C29 H24 F N3 O4'
8JE non-polymer 5-(4-fluorophenyl)-~{N}-[[3-[(~{S})-(1-methylindazol-5-yl)-oxidanyl-methyl]phenyl]methyl]-2,3-bis(oxidanyl)benzamide 'C29 H24 F N3 O4'
CL non-polymer 'CHLORIDE ION' 'Cl -1'
D1D non-polymer (4S,5S)-1,2-DITHIANE-4,5-DIOL 'C4 H8 O2 S2'
MG non-polymer 'MAGNESIUM ION' 'Mg 2'
NHE non-polymer '2-[N-CYCLOHEXYLAMINO]ETHANE SULFONIC ACID' 'C8 H17 N O3 S'
SO4 non-polymer 'SULFATE ION' 'O4 S -2'
#
# COMPACT_ATOMS: atom_id res chain seq x y z
N ASP A 3 -2.93 -9.64 -24.00
CA ASP A 3 -3.31 -9.20 -22.68
C ASP A 3 -2.35 -8.10 -22.16
N THR A 4 -2.51 -7.71 -20.92
CA THR A 4 -1.69 -6.71 -20.28
C THR A 4 -0.71 -7.39 -19.34
N LYS A 5 0.28 -6.61 -18.97
CA LYS A 5 1.29 -7.04 -18.01
CA LYS A 5 1.28 -7.05 -18.02
C LYS A 5 0.62 -7.49 -16.71
N GLU A 6 -0.36 -6.72 -16.27
CA GLU A 6 -1.02 -7.03 -14.99
C GLU A 6 -1.79 -8.38 -15.03
N GLN A 7 -2.48 -8.63 -16.16
CA GLN A 7 -3.08 -9.92 -16.42
C GLN A 7 -2.05 -11.02 -16.45
N ARG A 8 -0.89 -10.76 -17.05
CA ARG A 8 0.16 -11.77 -17.11
C ARG A 8 0.68 -12.08 -15.69
N ILE A 9 0.81 -11.08 -14.81
CA ILE A 9 1.26 -11.28 -13.44
C ILE A 9 0.23 -12.15 -12.72
N LEU A 10 -1.06 -11.85 -12.86
CA LEU A 10 -2.07 -12.63 -12.17
C LEU A 10 -2.04 -14.09 -12.62
N ARG A 11 -1.97 -14.28 -13.93
CA ARG A 11 -1.94 -15.65 -14.43
C ARG A 11 -0.74 -16.40 -13.89
N TYR A 12 0.42 -15.74 -13.89
CA TYR A 12 1.63 -16.36 -13.39
C TYR A 12 1.41 -16.77 -11.91
N VAL A 13 0.82 -15.92 -11.08
CA VAL A 13 0.56 -16.30 -9.71
C VAL A 13 -0.35 -17.53 -9.64
N GLN A 14 -1.41 -17.52 -10.43
CA GLN A 14 -2.43 -18.57 -10.39
C GLN A 14 -1.77 -19.89 -10.74
N GLN A 15 -0.73 -19.86 -11.57
CA GLN A 15 -0.11 -21.07 -12.11
C GLN A 15 1.20 -21.44 -11.39
N ASN A 16 1.67 -20.61 -10.47
CA ASN A 16 2.96 -20.83 -9.83
C ASN A 16 2.95 -20.62 -8.33
N ALA A 17 1.81 -20.39 -7.75
CA ALA A 17 1.67 -20.22 -6.32
C ALA A 17 0.62 -21.23 -5.85
N LYS A 18 0.49 -21.35 -4.54
CA LYS A 18 -0.50 -22.26 -3.91
C LYS A 18 -1.68 -21.44 -3.44
N PRO A 19 -2.92 -21.83 -3.84
CA PRO A 19 -4.08 -21.06 -3.40
C PRO A 19 -4.10 -21.07 -1.90
N GLY A 20 -4.43 -19.91 -1.36
CA GLY A 20 -4.53 -19.79 0.08
C GLY A 20 -3.24 -19.55 0.83
N ASP A 21 -2.14 -19.38 0.10
CA ASP A 21 -0.79 -19.26 0.66
C ASP A 21 -0.23 -17.91 0.23
N PRO A 22 -0.44 -16.87 1.04
CA PRO A 22 0.06 -15.52 0.67
C PRO A 22 1.56 -15.44 0.39
N GLN A 23 2.37 -16.12 1.16
CA GLN A 23 3.79 -16.04 0.92
C GLN A 23 4.13 -16.54 -0.48
N SER A 24 3.49 -17.62 -0.91
CA SER A 24 3.75 -18.14 -2.26
C SER A 24 3.35 -17.16 -3.36
N VAL A 25 2.28 -16.40 -3.08
CA VAL A 25 1.81 -15.40 -3.98
C VAL A 25 2.87 -14.27 -4.13
N LEU A 26 3.39 -13.78 -3.02
CA LEU A 26 4.44 -12.75 -3.06
C LEU A 26 5.63 -13.25 -3.81
N GLU A 27 6.05 -14.49 -3.52
CA GLU A 27 7.21 -15.04 -4.14
C GLU A 27 7.04 -15.16 -5.62
N ALA A 28 5.85 -15.57 -6.08
CA ALA A 28 5.57 -15.71 -7.49
C ALA A 28 5.62 -14.33 -8.16
N ILE A 29 5.04 -13.30 -7.55
CA ILE A 29 5.09 -11.99 -8.15
C ILE A 29 6.49 -11.47 -8.26
N ASP A 30 7.27 -11.63 -7.18
CA ASP A 30 8.63 -11.18 -7.20
C ASP A 30 9.50 -11.91 -8.27
N THR A 31 9.29 -13.20 -8.41
CA THR A 31 9.96 -13.96 -9.46
C THR A 31 9.60 -13.47 -10.86
N TYR A 32 8.31 -13.30 -11.11
CA TYR A 32 7.90 -12.85 -12.41
C TYR A 32 8.54 -11.50 -12.71
N CYS A 33 8.48 -10.60 -11.74
CA CYS A 33 8.95 -9.22 -11.98
C CYS A 33 10.45 -9.08 -12.01
N THR A 34 11.17 -10.05 -11.49
CA THR A 34 12.61 -10.07 -11.61
C THR A 34 13.05 -10.70 -12.91
N GLN A 35 12.35 -11.75 -13.37
CA GLN A 35 12.78 -12.59 -14.48
C GLN A 35 12.10 -12.29 -15.77
N LYS A 36 10.88 -11.77 -15.74
CA LYS A 36 10.05 -11.58 -16.95
CA LYS A 36 10.07 -11.58 -16.95
C LYS A 36 9.80 -10.11 -17.26
N GLU A 37 9.09 -9.41 -16.40
CA GLU A 37 8.66 -8.06 -16.71
C GLU A 37 8.62 -7.27 -15.40
N TRP A 38 9.31 -6.14 -15.37
CA TRP A 38 9.24 -5.26 -14.22
C TRP A 38 7.84 -4.73 -14.02
N ALA A 39 7.48 -4.50 -12.76
CA ALA A 39 6.24 -3.85 -12.46
C ALA A 39 6.38 -3.09 -11.16
N MET A 40 5.49 -2.10 -10.95
CA MET A 40 5.58 -1.18 -9.84
CA MET A 40 5.61 -1.18 -9.81
C MET A 40 5.00 -1.70 -8.51
N ASN A 41 5.25 -2.96 -8.22
CA ASN A 41 4.89 -3.51 -6.92
C ASN A 41 5.90 -3.00 -5.93
N VAL A 42 5.59 -2.97 -4.62
CA VAL A 42 6.54 -2.40 -3.66
CA VAL A 42 6.50 -2.47 -3.63
C VAL A 42 7.81 -3.26 -3.62
N GLY A 43 7.69 -4.56 -3.90
CA GLY A 43 8.79 -5.47 -3.99
C GLY A 43 9.27 -6.01 -2.67
N ASP A 44 10.25 -6.90 -2.72
CA ASP A 44 10.69 -7.57 -1.55
C ASP A 44 11.59 -6.71 -0.62
N ALA A 45 12.42 -5.86 -1.19
CA ALA A 45 13.33 -5.05 -0.39
C ALA A 45 12.57 -4.10 0.52
N LYS A 46 11.73 -3.29 -0.09
CA LYS A 46 10.90 -2.39 0.66
C LYS A 46 9.82 -3.16 1.39
N GLY A 47 9.35 -4.26 0.82
CA GLY A 47 8.39 -5.10 1.47
C GLY A 47 8.80 -5.64 2.83
N GLN A 48 10.09 -5.98 2.98
CA GLN A 48 10.59 -6.39 4.25
C GLN A 48 10.52 -5.32 5.30
N ILE A 49 10.71 -4.09 4.91
CA ILE A 49 10.57 -2.94 5.81
C ILE A 49 9.11 -2.78 6.18
N MET A 50 8.24 -2.82 5.19
CA MET A 50 6.80 -2.77 5.47
CA MET A 50 6.80 -2.79 5.43
C MET A 50 6.39 -3.86 6.48
N ASP A 51 6.87 -5.08 6.32
CA ASP A 51 6.53 -6.16 7.20
C ASP A 51 6.96 -5.79 8.66
N ALA A 52 8.17 -5.26 8.81
CA ALA A 52 8.70 -4.94 10.11
C ALA A 52 7.82 -3.86 10.78
N VAL A 53 7.33 -2.90 9.99
CA VAL A 53 6.46 -1.83 10.50
C VAL A 53 5.11 -2.40 10.88
N ILE A 54 4.49 -3.25 10.02
CA ILE A 54 3.21 -3.87 10.37
C ILE A 54 3.32 -4.65 11.64
N ARG A 55 4.37 -5.41 11.76
CA ARG A 55 4.53 -6.22 12.96
C ARG A 55 4.67 -5.38 14.19
N GLU A 56 5.36 -4.24 14.11
CA GLU A 56 5.56 -3.40 15.24
C GLU A 56 4.24 -2.84 15.76
N TYR A 57 3.37 -2.42 14.83
CA TYR A 57 2.16 -1.67 15.20
C TYR A 57 0.90 -2.54 15.28
N SER A 58 0.91 -3.72 14.64
CA SER A 58 -0.27 -4.58 14.62
C SER A 58 -1.57 -3.78 14.41
N PRO A 59 -1.65 -3.01 13.31
CA PRO A 59 -2.84 -2.12 13.12
C PRO A 59 -4.09 -2.94 12.94
N SER A 60 -5.18 -2.45 13.51
CA SER A 60 -6.50 -3.07 13.34
C SER A 60 -7.20 -2.62 12.07
N LEU A 61 -6.91 -1.42 11.60
CA LEU A 61 -7.51 -0.89 10.39
C LEU A 61 -6.45 -0.11 9.62
N VAL A 62 -6.15 -0.60 8.42
CA VAL A 62 -5.17 0.00 7.51
C VAL A 62 -5.92 0.49 6.26
N LEU A 63 -5.53 1.68 5.78
CA LEU A 63 -5.97 2.20 4.47
C LEU A 63 -4.74 2.20 3.56
N GLU A 64 -4.91 1.62 2.38
CA GLU A 64 -3.92 1.73 1.30
C GLU A 64 -4.49 2.57 0.18
N LEU A 65 -3.66 3.51 -0.25
CA LEU A 65 -3.97 4.33 -1.44
C LEU A 65 -3.07 3.80 -2.56
N GLY A 66 -3.66 3.12 -3.54
N GLY A 66 -3.70 3.29 -3.61
CA GLY A 66 -2.97 2.64 -4.73
CA GLY A 66 -3.02 2.61 -4.67
C GLY A 66 -2.69 1.14 -4.80
C GLY A 66 -2.89 1.13 -4.37
N ALA A 67 -3.70 0.33 -4.98
CA ALA A 67 -3.60 -1.12 -4.88
C ALA A 67 -2.69 -1.72 -5.96
N TYR A 68 -2.84 -1.24 -7.20
CA TYR A 68 -2.17 -1.82 -8.39
C TYR A 68 -2.61 -3.25 -8.65
N CYS A 69 -1.77 -4.25 -8.39
CA CYS A 69 -2.13 -5.66 -8.58
C CYS A 69 -2.37 -6.39 -7.27
N GLY A 70 -2.26 -5.68 -6.16
CA GLY A 70 -2.53 -6.27 -4.86
C GLY A 70 -1.34 -6.82 -4.13
N TYR A 71 -0.12 -6.59 -4.63
CA TYR A 71 1.06 -7.06 -3.95
C TYR A 71 1.17 -6.57 -2.49
N SER A 72 1.08 -5.27 -2.31
CA SER A 72 1.21 -4.72 -0.99
CA SER A 72 1.20 -4.72 -0.97
C SER A 72 0.00 -5.09 -0.12
N ALA A 73 -1.19 -5.19 -0.72
CA ALA A 73 -2.37 -5.61 0.04
C ALA A 73 -2.17 -7.04 0.56
N VAL A 74 -1.64 -7.95 -0.27
CA VAL A 74 -1.32 -9.34 0.19
C VAL A 74 -0.28 -9.25 1.29
N ARG A 75 0.75 -8.43 1.04
CA ARG A 75 1.85 -8.35 1.99
C ARG A 75 1.40 -7.88 3.38
N MET A 76 0.58 -6.84 3.41
CA MET A 76 0.08 -6.32 4.69
C MET A 76 -0.98 -7.25 5.28
N ALA A 77 -1.93 -7.68 4.45
CA ALA A 77 -3.06 -8.43 5.00
C ALA A 77 -2.64 -9.76 5.59
N ARG A 78 -1.61 -10.40 5.06
CA ARG A 78 -1.14 -11.65 5.60
C ARG A 78 -0.60 -11.55 7.02
N LEU A 79 -0.21 -10.33 7.45
CA LEU A 79 0.35 -10.09 8.76
C LEU A 79 -0.65 -9.49 9.75
N LEU A 80 -1.84 -9.19 9.29
CA LEU A 80 -2.88 -8.67 10.17
C LEU A 80 -3.41 -9.73 11.12
N GLN A 81 -3.75 -9.29 12.32
CA GLN A 81 -4.33 -10.19 13.34
C GLN A 81 -5.75 -10.55 12.95
N PRO A 82 -6.25 -11.66 13.51
CA PRO A 82 -7.67 -11.98 13.26
C PRO A 82 -8.59 -10.82 13.57
N GLY A 83 -9.51 -10.57 12.66
CA GLY A 83 -10.45 -9.46 12.77
C GLY A 83 -10.02 -8.09 12.25
N ALA A 84 -8.71 -7.93 12.05
CA ALA A 84 -8.18 -6.68 11.54
C ALA A 84 -8.48 -6.63 10.05
N ARG A 85 -8.51 -5.40 9.53
CA ARG A 85 -8.95 -5.11 8.18
C ARG A 85 -8.09 -4.13 7.45
N LEU A 86 -8.09 -4.32 6.15
CA LEU A 86 -7.44 -3.43 5.19
C LEU A 86 -8.46 -2.95 4.19
N LEU A 87 -8.48 -1.65 3.93
CA LEU A 87 -9.23 -1.03 2.87
C LEU A 87 -8.21 -0.51 1.86
N THR A 88 -8.39 -0.83 0.58
CA THR A 88 -7.47 -0.38 -0.43
C THR A 88 -8.22 0.31 -1.56
N MET A 89 -7.74 1.45 -2.02
CA MET A 89 -8.39 2.29 -3.02
C MET A 89 -7.62 2.20 -4.33
N GLU A 90 -8.31 1.96 -5.43
CA GLU A 90 -7.68 1.83 -6.73
C GLU A 90 -8.57 2.49 -7.79
N ILE A 91 -8.04 3.47 -8.48
CA ILE A 91 -8.83 4.20 -9.46
C ILE A 91 -9.01 3.43 -10.77
N ASN A 92 -8.07 2.55 -11.12
CA ASN A 92 -8.08 1.89 -12.41
C ASN A 92 -8.92 0.61 -12.29
N PRO A 93 -10.04 0.51 -13.01
CA PRO A 93 -10.93 -0.61 -12.78
C PRO A 93 -10.30 -1.94 -13.14
N ASP A 94 -9.45 -1.98 -14.17
CA ASP A 94 -8.79 -3.22 -14.56
C ASP A 94 -7.88 -3.71 -13.41
N CYS A 95 -7.14 -2.80 -12.81
CA CYS A 95 -6.29 -3.11 -11.69
C CYS A 95 -7.11 -3.48 -10.43
N ALA A 96 -8.23 -2.80 -10.20
CA ALA A 96 -9.07 -3.20 -9.09
C ALA A 96 -9.48 -4.65 -9.22
N ALA A 97 -9.83 -5.05 -10.43
CA ALA A 97 -10.28 -6.43 -10.64
C ALA A 97 -9.11 -7.39 -10.48
N ILE A 98 -7.91 -7.05 -10.96
CA ILE A 98 -6.74 -7.89 -10.74
CA ILE A 98 -6.76 -7.90 -10.74
C ILE A 98 -6.48 -8.05 -9.24
N THR A 99 -6.51 -6.94 -8.52
CA THR A 99 -6.25 -6.95 -7.10
C THR A 99 -7.26 -7.85 -6.39
N GLN A 100 -8.55 -7.75 -6.73
CA GLN A 100 -9.54 -8.60 -6.10
C GLN A 100 -9.23 -10.08 -6.35
N GLN A 101 -8.90 -10.41 -7.58
CA GLN A 101 -8.60 -11.78 -7.95
C GLN A 101 -7.35 -12.27 -7.23
N MET A 102 -6.36 -11.38 -7.07
CA MET A 102 -5.15 -11.73 -6.37
C MET A 102 -5.41 -12.06 -4.88
N LEU A 103 -6.22 -11.22 -4.26
CA LEU A 103 -6.63 -11.42 -2.89
C LEU A 103 -7.44 -12.72 -2.69
N ASN A 104 -8.33 -12.97 -3.65
CA ASN A 104 -9.12 -14.16 -3.62
C ASN A 104 -8.21 -15.38 -3.70
N PHE A 105 -7.25 -15.35 -4.62
CA PHE A 105 -6.35 -16.48 -4.74
C PHE A 105 -5.57 -16.73 -3.46
N ALA A 106 -5.07 -15.64 -2.89
CA ALA A 106 -4.32 -15.68 -1.64
C ALA A 106 -5.11 -16.09 -0.44
N GLY A 107 -6.44 -16.12 -0.53
CA GLY A 107 -7.32 -16.44 0.57
C GLY A 107 -7.50 -15.32 1.58
N LEU A 108 -7.23 -14.09 1.19
CA LEU A 108 -7.26 -12.93 2.06
C LEU A 108 -8.46 -12.04 1.83
N GLN A 109 -9.42 -12.49 1.05
CA GLN A 109 -10.55 -11.65 0.65
C GLN A 109 -11.42 -11.22 1.83
N ASP A 110 -11.45 -12.00 2.92
CA ASP A 110 -12.29 -11.62 4.08
C ASP A 110 -11.66 -10.49 4.85
N LYS A 111 -10.36 -10.26 4.68
CA LYS A 111 -9.66 -9.23 5.42
C LYS A 111 -9.57 -7.90 4.70
N VAL A 112 -9.79 -7.90 3.39
CA VAL A 112 -9.50 -6.78 2.58
C VAL A 112 -10.73 -6.38 1.82
N THR A 113 -10.93 -5.07 1.70
CA THR A 113 -11.97 -4.47 0.84
C THR A 113 -11.28 -3.58 -0.18
N ILE A 114 -11.47 -3.90 -1.43
CA ILE A 114 -10.83 -3.21 -2.54
C ILE A 114 -11.89 -2.35 -3.11
N LEU A 115 -11.69 -1.03 -3.01
N LEU A 115 -11.70 -1.04 -3.00
CA LEU A 115 -12.61 -0.06 -3.51
CA LEU A 115 -12.61 -0.09 -3.52
C LEU A 115 -12.12 0.56 -4.81
C LEU A 115 -12.10 0.50 -4.83
N ASN A 116 -12.92 0.45 -5.86
CA ASN A 116 -12.61 1.00 -7.14
C ASN A 116 -13.10 2.45 -7.22
N GLY A 117 -12.21 3.39 -7.10
CA GLY A 117 -12.53 4.79 -7.21
C GLY A 117 -11.28 5.66 -6.87
N ALA A 118 -11.41 6.98 -6.98
CA ALA A 118 -10.33 7.93 -6.66
C ALA A 118 -10.31 8.16 -5.16
N SER A 119 -9.11 8.18 -4.59
CA SER A 119 -8.93 8.39 -3.15
C SER A 119 -9.61 9.68 -2.67
N GLN A 120 -9.54 10.74 -3.46
CA GLN A 120 -10.06 12.03 -2.96
C GLN A 120 -11.59 11.99 -2.93
N ASP A 121 -12.22 11.10 -3.70
CA ASP A 121 -13.69 10.94 -3.68
C ASP A 121 -14.12 9.99 -2.62
N LEU A 122 -13.31 8.95 -2.35
CA LEU A 122 -13.68 7.89 -1.41
C LEU A 122 -13.34 8.22 0.05
N ILE A 123 -12.25 8.96 0.27
CA ILE A 123 -11.81 9.30 1.61
C ILE A 123 -12.96 10.00 2.39
N PRO A 124 -13.67 10.98 1.78
CA PRO A 124 -14.75 11.64 2.54
C PRO A 124 -15.91 10.75 2.83
N GLN A 125 -16.00 9.56 2.19
CA GLN A 125 -17.10 8.62 2.45
C GLN A 125 -16.76 7.58 3.52
N LEU A 126 -15.52 7.53 4.02
CA LEU A 126 -15.13 6.42 4.88
C LEU A 126 -15.90 6.36 6.17
N LYS A 127 -16.10 7.50 6.81
CA LYS A 127 -16.85 7.48 8.07
C LYS A 127 -18.28 7.04 7.95
N LYS A 128 -19.04 7.65 7.06
CA LYS A 128 -20.44 7.35 7.00
C LYS A 128 -20.74 6.13 6.19
N LYS A 129 -20.10 5.89 5.06
CA LYS A 129 -20.41 4.74 4.21
C LYS A 129 -19.69 3.45 4.62
N TYR A 130 -18.46 3.56 5.12
CA TYR A 130 -17.64 2.38 5.46
C TYR A 130 -17.44 2.23 6.99
N ASP A 131 -18.13 3.09 7.77
CA ASP A 131 -18.19 3.01 9.23
C ASP A 131 -16.80 3.03 9.84
N VAL A 132 -15.93 3.82 9.26
CA VAL A 132 -14.61 4.01 9.86
C VAL A 132 -14.71 5.08 10.94
N ASP A 133 -14.00 4.92 12.07
CA ASP A 133 -13.79 6.00 13.03
C ASP A 133 -12.45 6.68 12.68
N THR A 134 -11.34 6.06 13.06
CA THR A 134 -10.04 6.55 12.69
C THR A 134 -9.19 5.41 12.20
N LEU A 135 -8.13 5.75 11.48
CA LEU A 135 -7.29 4.79 10.85
C LEU A 135 -6.07 4.56 11.74
N ASP A 136 -5.61 3.31 11.80
CA ASP A 136 -4.36 2.99 12.53
C ASP A 136 -3.12 3.19 11.70
N MET A 137 -3.26 2.97 10.39
CA MET A 137 -2.13 3.05 9.50
C MET A 137 -2.65 3.38 8.11
N VAL A 138 -1.84 4.14 7.37
CA VAL A 138 -2.11 4.48 5.98
C VAL A 138 -0.87 4.18 5.17
N PHE A 139 -1.00 3.44 4.08
CA PHE A 139 0.08 3.17 3.15
C PHE A 139 -0.19 3.99 1.85
N LEU A 140 0.72 4.91 1.57
CA LEU A 140 0.59 5.77 0.40
CA LEU A 140 0.60 5.78 0.40
C LEU A 140 1.44 5.22 -0.72
N ASP A 141 0.79 4.89 -1.83
CA ASP A 141 1.47 4.32 -2.97
C ASP A 141 0.79 4.62 -4.29
N HIS A 142 0.01 5.71 -4.33
CA HIS A 142 -0.73 6.10 -5.55
C HIS A 142 0.09 7.18 -6.27
N TRP A 143 -0.54 8.01 -7.05
CA TRP A 143 0.19 9.02 -7.76
C TRP A 143 0.93 9.92 -6.77
N LYS A 144 2.20 10.19 -7.07
CA LYS A 144 3.09 10.81 -6.08
C LYS A 144 2.69 12.21 -5.72
N ASP A 145 2.08 12.91 -6.66
CA ASP A 145 1.55 14.24 -6.39
C ASP A 145 0.26 14.27 -5.60
N ARG A 146 -0.26 13.09 -5.23
CA ARG A 146 -1.44 13.03 -4.43
C ARG A 146 -1.15 12.71 -2.95
N TYR A 147 0.10 12.37 -2.63
CA TYR A 147 0.43 12.02 -1.25
C TYR A 147 0.09 13.16 -0.26
N LEU A 148 0.55 14.37 -0.60
CA LEU A 148 0.27 15.51 0.24
C LEU A 148 -1.20 15.91 0.30
N PRO A 149 -1.83 16.12 -0.84
CA PRO A 149 -3.25 16.49 -0.77
C PRO A 149 -4.09 15.45 -0.02
N ASP A 150 -3.83 14.17 -0.23
CA ASP A 150 -4.65 13.20 0.46
C ASP A 150 -4.33 13.10 1.96
N THR A 151 -3.07 13.33 2.36
CA THR A 151 -2.76 13.39 3.80
C THR A 151 -3.55 14.53 4.47
N LEU A 152 -3.60 15.69 3.81
CA LEU A 152 -4.32 16.82 4.33
C LEU A 152 -5.82 16.55 4.36
N LEU A 153 -6.33 15.84 3.36
CA LEU A 153 -7.74 15.45 3.35
C LEU A 153 -8.07 14.46 4.46
N LEU A 154 -7.22 13.49 4.68
CA LEU A 154 -7.44 12.55 5.79
C LEU A 154 -7.55 13.27 7.11
N GLU A 155 -6.69 14.27 7.30
CA GLU A 155 -6.75 15.04 8.56
C GLU A 155 -8.07 15.85 8.63
N LYS A 156 -8.45 16.50 7.54
CA LYS A 156 -9.67 17.30 7.49
C LYS A 156 -10.87 16.43 7.83
N CYS A 157 -10.88 15.22 7.34
CA CYS A 157 -12.03 14.32 7.52
C CYS A 157 -12.03 13.65 8.87
N GLY A 158 -11.04 13.92 9.73
CA GLY A 158 -11.03 13.36 11.09
C GLY A 158 -10.62 11.92 11.17
N LEU A 159 -9.91 11.47 10.18
CA LEU A 159 -9.52 10.04 10.04
C LEU A 159 -8.21 9.70 10.73
N LEU A 160 -7.40 10.68 11.10
CA LEU A 160 -6.15 10.45 11.78
C LEU A 160 -6.36 10.62 13.28
N ARG A 161 -5.65 9.82 14.05
CA ARG A 161 -5.60 9.95 15.49
C ARG A 161 -4.14 10.07 15.93
N LYS A 162 -3.90 10.42 17.19
CA LYS A 162 -2.55 10.38 17.76
C LYS A 162 -2.02 8.97 17.59
N GLY A 163 -0.90 8.87 16.90
CA GLY A 163 -0.24 7.62 16.67
C GLY A 163 -0.56 6.99 15.31
N THR A 164 -1.47 7.54 14.52
CA THR A 164 -1.68 6.98 13.18
C THR A 164 -0.38 6.97 12.40
N VAL A 165 -0.03 5.83 11.82
CA VAL A 165 1.22 5.64 11.11
C VAL A 165 0.97 5.86 9.61
N LEU A 166 1.60 6.85 9.01
CA LEU A 166 1.60 6.98 7.59
C LEU A 166 2.92 6.35 7.10
N LEU A 167 2.82 5.50 6.11
CA LEU A 167 4.01 4.89 5.49
C LEU A 167 3.92 5.15 4.00
N ALA A 168 4.93 5.82 3.46
CA ALA A 168 4.89 6.32 2.07
C ALA A 168 5.95 5.64 1.26
N ASP A 169 5.55 5.03 0.13
CA ASP A 169 6.48 4.42 -0.78
C ASP A 169 7.07 5.50 -1.70
N ASN A 170 8.23 5.23 -2.28
CA ASN A 170 8.75 5.98 -3.41
C ASN A 170 9.09 7.38 -3.07
N VAL A 171 9.59 7.61 -1.86
CA VAL A 171 9.88 8.99 -1.49
C VAL A 171 11.15 9.51 -2.17
N ILE A 172 11.96 8.61 -2.76
CA ILE A 172 13.12 9.00 -3.53
C ILE A 172 12.87 8.85 -5.06
N VAL A 173 12.35 7.70 -5.47
CA VAL A 173 12.07 7.45 -6.90
C VAL A 173 10.67 6.82 -6.98
N PRO A 174 9.73 7.44 -7.73
CA PRO A 174 9.87 8.74 -8.42
C PRO A 174 10.09 9.94 -7.55
N GLY A 175 9.81 9.84 -6.26
CA GLY A 175 9.93 10.94 -5.37
C GLY A 175 8.63 11.64 -5.08
N THR A 176 8.53 12.20 -3.89
CA THR A 176 7.31 12.92 -3.50
CA THR A 176 7.33 12.88 -3.39
C THR A 176 7.77 14.15 -2.67
N PRO A 177 8.39 15.12 -3.38
CA PRO A 177 9.07 16.17 -2.64
C PRO A 177 8.24 17.07 -1.78
N ASP A 178 7.04 17.38 -2.21
CA ASP A 178 6.18 18.25 -1.41
C ASP A 178 5.71 17.54 -0.12
N PHE A 179 5.26 16.30 -0.26
CA PHE A 179 4.90 15.49 0.88
C PHE A 179 6.06 15.39 1.87
N LEU A 180 7.26 15.03 1.37
CA LEU A 180 8.37 14.81 2.29
C LEU A 180 8.76 16.08 3.01
N ALA A 181 8.85 17.18 2.31
CA ALA A 181 9.13 18.46 2.95
C ALA A 181 8.08 18.84 4.00
N TYR A 182 6.84 18.58 3.66
CA TYR A 182 5.77 18.93 4.56
C TYR A 182 5.82 18.13 5.83
N VAL A 183 5.84 16.79 5.72
CA VAL A 183 5.81 16.02 6.96
C VAL A 183 7.05 16.21 7.79
N ARG A 184 8.19 16.36 7.14
CA ARG A 184 9.44 16.58 7.88
C ARG A 184 9.50 17.93 8.56
N GLY A 185 8.76 18.91 8.03
CA GLY A 185 8.71 20.24 8.62
C GLY A 185 7.59 20.47 9.59
N SER A 186 6.70 19.52 9.75
CA SER A 186 5.50 19.66 10.58
C SER A 186 5.66 19.14 11.96
N SER A 187 5.27 19.94 12.93
CA SER A 187 5.20 19.50 14.34
CA SER A 187 5.28 19.48 14.33
C SER A 187 4.19 18.41 14.59
N SER A 188 3.26 18.23 13.64
CA SER A 188 2.22 17.19 13.75
C SER A 188 2.66 15.84 13.28
N PHE A 189 3.90 15.70 12.81
CA PHE A 189 4.39 14.39 12.40
C PHE A 189 5.75 14.13 13.00
N GLU A 190 5.99 12.89 13.37
CA GLU A 190 7.33 12.40 13.73
C GLU A 190 7.74 11.45 12.59
N CYS A 191 8.84 11.78 11.93
CA CYS A 191 9.25 11.12 10.69
C CYS A 191 10.51 10.32 10.84
N THR A 192 10.52 9.22 10.12
CA THR A 192 11.65 8.31 10.03
C THR A 192 11.80 7.87 8.55
N HIS A 193 13.02 7.91 8.05
CA HIS A 193 13.35 7.51 6.71
C HIS A 193 13.99 6.12 6.72
N TYR A 194 13.50 5.23 5.86
CA TYR A 194 14.01 3.88 5.75
C TYR A 194 14.57 3.72 4.33
N SER A 195 15.90 3.82 4.20
CA SER A 195 16.52 3.71 2.91
C SER A 195 16.46 2.30 2.38
N SER A 196 16.17 2.15 1.09
CA SER A 196 16.05 0.86 0.49
C SER A 196 16.35 0.98 -0.97
N TYR A 197 15.69 0.13 -1.76
CA TYR A 197 15.91 0.04 -3.20
C TYR A 197 14.57 -0.02 -3.88
N LEU A 198 14.55 0.60 -5.06
CA LEU A 198 13.43 0.47 -5.95
C LEU A 198 13.18 -0.99 -6.23
N GLU A 199 11.91 -1.37 -6.29
CA GLU A 199 11.55 -2.72 -6.54
C GLU A 199 12.28 -3.27 -7.79
N TYR A 200 12.89 -4.43 -7.58
CA TYR A 200 13.48 -5.24 -8.61
C TYR A 200 14.66 -4.60 -9.28
N MET A 201 15.20 -3.53 -8.70
CA MET A 201 16.27 -2.71 -9.38
CA MET A 201 16.29 -2.77 -9.35
C MET A 201 17.33 -2.31 -8.38
N LYS A 202 18.53 -2.13 -8.91
CA LYS A 202 19.66 -1.59 -8.13
C LYS A 202 19.65 -0.06 -8.24
N VAL A 203 18.63 0.55 -7.70
CA VAL A 203 18.39 1.99 -7.67
C VAL A 203 17.94 2.28 -6.27
N VAL A 204 18.53 3.27 -5.60
CA VAL A 204 18.10 3.62 -4.24
C VAL A 204 16.69 4.20 -4.26
N ASP A 205 15.89 3.76 -3.29
CA ASP A 205 14.61 4.37 -3.03
C ASP A 205 14.43 4.34 -1.51
N GLY A 206 13.28 4.68 -1.02
CA GLY A 206 13.05 4.59 0.42
C GLY A 206 11.59 4.78 0.75
N LEU A 207 11.30 4.40 1.97
CA LEU A 207 10.00 4.63 2.59
C LEU A 207 10.15 5.72 3.63
N GLU A 208 9.12 6.53 3.80
CA GLU A 208 9.04 7.42 4.94
C GLU A 208 7.90 7.01 5.81
N LYS A 209 8.21 6.92 7.10
CA LYS A 209 7.18 6.73 8.14
C LYS A 209 6.97 8.08 8.77
N ALA A 210 5.69 8.47 8.86
CA ALA A 210 5.31 9.75 9.48
C ALA A 210 4.17 9.43 10.43
N ILE A 211 4.43 9.57 11.75
CA ILE A 211 3.47 9.28 12.77
C ILE A 211 2.75 10.54 13.15
N TYR A 212 1.44 10.55 13.01
CA TYR A 212 0.63 11.71 13.34
C TYR A 212 0.60 11.94 14.84
N GLN A 213 0.83 13.19 15.21
CA GLN A 213 0.84 13.61 16.63
C GLN A 213 -0.34 14.40 17.04
N GLY A 214 -1.32 14.64 16.21
CA GLY A 214 -2.52 15.43 16.64
C GLY A 214 -2.26 16.86 16.20
N PRO A 215 -3.22 17.76 16.44
CA PRO A 215 -3.09 19.18 15.98
C PRO A 215 -2.03 20.10 16.65
MG MG B . 5.31 2.32 -5.21
CL CL C . 2.20 -3.05 -4.57
CL CL D . 12.90 -6.00 -4.66
C3' NHE E . 11.24 0.82 -14.70
C3' NHE E . 11.33 0.87 -14.68
C2' NHE E . 10.77 -0.27 -15.66
C2' NHE E . 10.92 -0.25 -15.63
C1' NHE E . 11.56 -0.28 -16.94
C1' NHE E . 11.72 -0.19 -16.91
C6' NHE E . 13.03 -0.48 -16.62
C6' NHE E . 13.19 -0.36 -16.58
N NHE E . 10.99 -1.25 -17.89
N NHE E . 11.24 -1.16 -17.89
C1 NHE E . 11.35 -2.64 -17.98
C1 NHE E . 11.56 -2.57 -17.85
C2 NHE E . 10.65 -3.33 -19.15
C2 NHE E . 10.96 -3.35 -19.03
S NHE E . 10.90 -5.01 -19.17
S NHE E . 10.51 -4.93 -18.65
O1 NHE E . 9.93 -5.58 -20.13
O1 NHE E . 9.11 -4.79 -18.23
O2 NHE E . 12.26 -5.31 -19.73
O2 NHE E . 10.56 -5.78 -19.88
O3 NHE E . 10.79 -5.51 -17.77
O3 NHE E . 11.46 -5.59 -17.70
C5' NHE E . 13.50 0.61 -15.65
C5' NHE E . 13.61 0.76 -15.62
C4' NHE E . 12.70 0.66 -14.35
C4' NHE E . 12.80 0.79 -14.34
S1 D1D F . 12.04 1.13 -13.11
C1 D1D F . 10.98 1.30 -14.49
C2 D1D F . 11.07 0.10 -15.42
O2 D1D F . 10.09 0.18 -16.47
C3 D1D F . 12.44 -0.03 -16.06
O3 D1D F . 12.35 -1.13 -16.97
C4 D1D F . 13.64 -0.19 -15.12
S4 D1D F . 13.82 1.19 -14.04
S SO4 G . -10.77 -12.87 10.22
O1 SO4 G . -10.30 -13.82 11.26
O2 SO4 G . -11.28 -13.47 8.93
O3 SO4 G . -11.92 -12.12 10.85
O4 SO4 G . -9.77 -11.80 9.97
C4 7JE H . -1.46 4.09 -11.34
C5 7JE H . -1.70 4.06 -9.95
C6 7JE H . -0.68 4.44 -9.12
C7 7JE H . 1.52 5.33 -8.61
C8 7JE H . -2.95 3.56 -9.26
C10 7JE H . -4.28 7.09 -8.57
C13 7JE H . -4.64 4.44 -7.58
C15 7JE H . -5.39 5.50 -7.04
C20 7JE H . 7.49 2.90 -8.75
C21 7JE H . 5.04 4.16 -9.06
C22 7JE H . 6.02 4.34 -10.00
C24 7JE H . 8.30 3.90 -10.90
C28 7JE H . 6.48 2.73 -7.82
C1 7JE H . 0.53 4.89 -9.63
C2 7JE H . 0.80 4.94 -11.01
C3 7JE H . -0.24 4.54 -11.86
O9 7JE H . -2.65 2.55 -8.27
C11 7JE H . -3.58 6.02 -9.09
C12 7JE H . -3.75 4.70 -8.61
C14 7JE H . -5.21 6.83 -7.56
C16 7JE H . -6.40 5.66 -6.05
N17 7JE H . -6.79 6.92 -5.96
N18 7JE H . -6.08 7.67 -6.86
N19 7JE H . 2.73 4.53 -8.52
C23 7JE H . 7.26 3.72 -9.88
C25 7JE H . 3.79 4.92 -9.25
O26 7JE H . 3.74 5.84 -10.10
C27 7JE H . 5.24 3.39 -7.93
O29 7JE H . 6.73 1.95 -6.71
O30 7JE H . 4.40 3.17 -6.90
C31 7JE H . 9.65 3.96 -10.54
C32 7JE H . 10.67 4.12 -11.48
C33 7JE H . 10.27 4.23 -12.81
C34 7JE H . 8.95 4.20 -13.21
C35 7JE H . 7.94 4.05 -12.26
F36 7JE H . 11.23 4.36 -13.75
C37 7JE H . -6.26 9.11 -6.99
C4 8JE I . -1.44 4.11 -11.37
C5 8JE I . -1.72 4.07 -9.98
C6 8JE I . -0.69 4.45 -9.13
C7 8JE I . 1.52 5.30 -8.62
C8 8JE I . -3.04 3.59 -9.40
C10 8JE I . -4.29 7.08 -8.58
C13 8JE I . -4.67 4.43 -7.61
C15 8JE I . -5.41 5.49 -7.06
C20 8JE I . 7.48 2.91 -8.75
C21 8JE I . 5.03 4.16 -9.05
C22 8JE I . 6.02 4.34 -10.00
C24 8JE I . 8.30 3.90 -10.90
C28 8JE I . 6.48 2.73 -7.82
C1 8JE I . 0.52 4.88 -9.63
C2 8JE I . 0.81 4.93 -11.00
C3 8JE I . -0.21 4.55 -11.88
O9 8JE I . -3.94 3.04 -10.45
C11 8JE I . -3.62 6.01 -9.12
C12 8JE I . -3.78 4.69 -8.65
C14 8JE I . -5.21 6.83 -7.56
C16 8JE I . -6.40 5.66 -6.05
N17 8JE I . -6.76 6.93 -5.95
N18 8JE I . -6.06 7.67 -6.85
N19 8JE I . 2.73 4.53 -8.52
C23 8JE I . 7.25 3.73 -9.88
C25 8JE I . 3.79 4.92 -9.25
O26 8JE I . 3.75 5.83 -10.10
C27 8JE I . 5.23 3.38 -7.93
O29 8JE I . 6.73 1.95 -6.71
O30 8JE I . 4.40 3.17 -6.90
C31 8JE I . 9.64 3.95 -10.55
C32 8JE I . 10.67 4.12 -11.48
C33 8JE I . 10.26 4.24 -12.81
C34 8JE I . 8.95 4.20 -13.21
C35 8JE I . 7.94 4.05 -12.26
F36 8JE I . 11.23 4.36 -13.75
C37 8JE I . -6.26 9.11 -6.98
#